data_9BD3
#
_entry.id   9BD3
#
_cell.length_a   85.210
_cell.length_b   85.210
_cell.length_c   206.080
_cell.angle_alpha   90.000
_cell.angle_beta   90.000
_cell.angle_gamma   120.000
#
_symmetry.space_group_name_H-M   'P 65'
#
loop_
_entity.id
_entity.type
_entity.pdbx_description
1 polymer 'Melanoma antigen A 4'
2 polymer 'E3 ubiquitin-protein ligase RAD18'
3 water water
#
loop_
_entity_poly.entity_id
_entity_poly.type
_entity_poly.pdbx_seq_one_letter_code
_entity_poly.pdbx_strand_id
1 'polypeptide(L)'
;SNADAESLFREALSNKVDELAHFLLRKYRAKELVTKAEMLERVIKNYKRCFPVIFGKASESLKMIFGIDVKEVDPTSNTY
TLVTCLGLSYDGLLGNNQIFPKTGLLIIVLGTIAMEGDSASEEEIWEELGVMGVYDGREHTVYGEPRKLLTQDWVQENYL
EYRQVPGSNPARYEFLWGPRALAETSYVKVLEHVVRVNARVRIAYPSLREAALLEEEEGV
;
A,C
2 'polypeptide(L)' HSKYRKKHKSEFQLLVDQARKGYKKIAG B,D
#
# COMPACT_ATOMS: atom_id res chain seq x y z
N ALA A 3 2.48 23.09 36.67
CA ALA A 3 2.26 23.92 37.85
C ALA A 3 1.08 24.88 37.63
N ASP A 4 1.05 25.52 36.47
CA ASP A 4 0.03 26.50 36.15
C ASP A 4 -1.14 25.83 35.40
N ALA A 5 -2.32 26.42 35.55
CA ALA A 5 -3.51 25.85 34.92
C ALA A 5 -3.46 25.98 33.41
N GLU A 6 -3.02 27.14 32.90
CA GLU A 6 -2.91 27.30 31.46
C GLU A 6 -1.80 26.42 30.88
N SER A 7 -0.74 26.19 31.65
CA SER A 7 0.34 25.30 31.20
C SER A 7 -0.15 23.86 31.12
N LEU A 8 -0.96 23.42 32.10
CA LEU A 8 -1.47 22.06 32.08
C LEU A 8 -2.54 21.88 30.99
N PHE A 9 -3.22 22.96 30.62
CA PHE A 9 -4.19 22.90 29.54
C PHE A 9 -3.51 22.79 28.18
N ARG A 10 -2.44 23.56 27.96
CA ARG A 10 -1.71 23.46 26.71
C ARG A 10 -1.07 22.08 26.56
N GLU A 11 -0.54 21.54 27.66
CA GLU A 11 0.04 20.20 27.61
C GLU A 11 -1.03 19.15 27.35
N ALA A 12 -2.24 19.37 27.86
CA ALA A 12 -3.33 18.45 27.58
C ALA A 12 -3.72 18.47 26.10
N LEU A 13 -3.73 19.66 25.50
CA LEU A 13 -4.03 19.76 24.07
C LEU A 13 -2.88 19.20 23.24
N SER A 14 -1.65 19.46 23.65
CA SER A 14 -0.49 18.94 22.92
C SER A 14 -0.45 17.41 22.98
N ASN A 15 -0.85 16.84 24.11
CA ASN A 15 -0.91 15.38 24.24
C ASN A 15 -2.00 14.79 23.34
N LYS A 16 -3.10 15.52 23.14
CA LYS A 16 -4.15 15.04 22.26
C LYS A 16 -3.71 15.03 20.80
N VAL A 17 -2.91 16.01 20.40
CA VAL A 17 -2.34 16.01 19.05
C VAL A 17 -1.48 14.77 18.84
N ASP A 18 -0.55 14.54 19.77
CA ASP A 18 0.20 13.28 19.80
C ASP A 18 -0.73 12.07 19.74
N GLU A 19 -1.78 12.07 20.57
CA GLU A 19 -2.68 10.92 20.62
C GLU A 19 -3.46 10.76 19.32
N LEU A 20 -3.99 11.86 18.78
CA LEU A 20 -4.74 11.77 17.52
C LEU A 20 -3.82 11.42 16.36
N ALA A 21 -2.57 11.91 16.38
CA ALA A 21 -1.64 11.59 15.32
C ALA A 21 -1.38 10.08 15.25
N HIS A 22 -1.16 9.45 16.41
CA HIS A 22 -0.96 8.01 16.43
C HIS A 22 -2.23 7.25 16.12
N PHE A 23 -3.38 7.80 16.49
CA PHE A 23 -4.66 7.18 16.13
C PHE A 23 -4.83 7.17 14.61
N LEU A 24 -4.55 8.30 13.95
CA LEU A 24 -4.66 8.36 12.49
C LEU A 24 -3.66 7.42 11.83
N LEU A 25 -2.46 7.33 12.39
CA LEU A 25 -1.46 6.39 11.87
C LEU A 25 -1.94 4.95 11.95
N ARG A 26 -2.54 4.57 13.09
CA ARG A 26 -3.13 3.25 13.18
C ARG A 26 -4.25 3.06 12.16
N LYS A 27 -5.02 4.11 11.89
CA LYS A 27 -6.07 4.01 10.89
C LYS A 27 -5.49 3.80 9.49
N TYR A 28 -4.37 4.45 9.19
CA TYR A 28 -3.74 4.25 7.89
C TYR A 28 -3.24 2.82 7.73
N ARG A 29 -2.49 2.32 8.72
CA ARG A 29 -1.97 0.96 8.64
C ARG A 29 -3.10 -0.07 8.56
N ALA A 30 -4.25 0.22 9.17
CA ALA A 30 -5.40 -0.66 9.08
C ALA A 30 -6.20 -0.49 7.79
N LYS A 31 -5.82 0.49 6.95
CA LYS A 31 -6.46 0.75 5.66
C LYS A 31 -7.97 0.93 5.82
N GLU A 32 -8.36 1.80 6.75
CA GLU A 32 -9.75 2.13 6.99
C GLU A 32 -9.95 3.63 6.87
N LEU A 33 -11.22 4.02 6.71
CA LEU A 33 -11.61 5.42 6.75
C LEU A 33 -11.72 5.89 8.20
N VAL A 34 -11.75 7.21 8.39
CA VAL A 34 -11.96 7.80 9.70
C VAL A 34 -12.97 8.94 9.57
N THR A 35 -13.88 9.02 10.54
CA THR A 35 -14.86 10.09 10.56
C THR A 35 -14.55 11.07 11.69
N LYS A 36 -15.13 12.27 11.58
CA LYS A 36 -15.01 13.25 12.65
C LYS A 36 -15.63 12.73 13.94
N ALA A 37 -16.80 12.10 13.85
CA ALA A 37 -17.46 11.56 15.03
C ALA A 37 -16.60 10.49 15.71
N GLU A 38 -15.87 9.70 14.92
CA GLU A 38 -15.00 8.68 15.52
C GLU A 38 -13.89 9.33 16.33
N MET A 39 -13.29 10.41 15.80
CA MET A 39 -12.23 11.10 16.53
C MET A 39 -12.79 11.84 17.73
N LEU A 40 -13.97 12.45 17.59
CA LEU A 40 -14.56 13.18 18.71
C LEU A 40 -14.88 12.25 19.87
N GLU A 41 -15.19 10.99 19.60
CA GLU A 41 -15.61 10.06 20.64
C GLU A 41 -14.46 9.21 21.19
N ARG A 42 -13.49 8.84 20.35
CA ARG A 42 -12.45 7.91 20.77
C ARG A 42 -11.12 8.58 21.12
N VAL A 43 -10.92 9.85 20.75
CA VAL A 43 -9.63 10.50 21.03
C VAL A 43 -9.82 11.76 21.86
N ILE A 44 -10.66 12.69 21.41
CA ILE A 44 -10.75 13.97 22.10
C ILE A 44 -12.15 14.18 22.68
N LYS A 45 -12.62 13.19 23.44
CA LYS A 45 -13.97 13.23 24.01
C LYS A 45 -14.17 14.46 24.89
N ASN A 46 -13.18 14.80 25.71
CA ASN A 46 -13.33 15.91 26.64
C ASN A 46 -12.91 17.26 26.06
N TYR A 47 -12.47 17.30 24.80
CA TYR A 47 -12.01 18.54 24.16
C TYR A 47 -12.59 18.67 22.76
N LYS A 48 -13.85 18.27 22.60
CA LYS A 48 -14.46 18.19 21.27
C LYS A 48 -14.36 19.51 20.52
N ARG A 49 -14.67 20.62 21.18
CA ARG A 49 -14.69 21.91 20.49
C ARG A 49 -13.30 22.39 20.09
N CYS A 50 -12.25 21.73 20.55
CA CYS A 50 -10.90 22.01 20.08
C CYS A 50 -10.48 21.14 18.91
N PHE A 51 -11.43 20.39 18.33
CA PHE A 51 -11.13 19.52 17.19
C PHE A 51 -10.39 20.22 16.06
N PRO A 52 -10.80 21.42 15.59
CA PRO A 52 -10.06 22.03 14.46
C PRO A 52 -8.59 22.20 14.74
N VAL A 53 -8.24 22.60 15.98
CA VAL A 53 -6.83 22.81 16.31
C VAL A 53 -6.10 21.48 16.43
N ILE A 54 -6.72 20.51 17.12
CA ILE A 54 -6.06 19.22 17.34
C ILE A 54 -5.94 18.46 16.03
N PHE A 55 -7.03 18.34 15.29
CA PHE A 55 -6.99 17.62 14.01
C PHE A 55 -6.07 18.31 13.01
N GLY A 56 -6.03 19.65 13.03
CA GLY A 56 -5.14 20.35 12.11
C GLY A 56 -3.67 20.13 12.41
N LYS A 57 -3.31 20.13 13.69
CA LYS A 57 -1.92 19.89 14.07
C LYS A 57 -1.53 18.44 13.84
N ALA A 58 -2.46 17.51 14.04
CA ALA A 58 -2.16 16.10 13.85
C ALA A 58 -2.07 15.77 12.35
N SER A 59 -2.96 16.36 11.54
CA SER A 59 -2.89 16.15 10.10
C SER A 59 -1.56 16.61 9.52
N GLU A 60 -1.12 17.81 9.91
N GLU A 60 -1.11 17.80 9.92
CA GLU A 60 0.14 18.34 9.36
CA GLU A 60 0.13 18.34 9.36
C GLU A 60 1.34 17.52 9.80
C GLU A 60 1.34 17.52 9.80
N SER A 61 1.31 16.96 11.01
CA SER A 61 2.43 16.15 11.48
C SER A 61 2.53 14.84 10.72
N LEU A 62 1.39 14.21 10.44
CA LEU A 62 1.39 13.01 9.61
C LEU A 62 1.94 13.30 8.22
N LYS A 63 1.63 14.49 7.68
CA LYS A 63 2.11 14.84 6.35
C LYS A 63 3.62 15.07 6.34
N MET A 64 4.14 15.81 7.34
CA MET A 64 5.55 16.16 7.35
C MET A 64 6.44 14.98 7.75
N ILE A 65 6.02 14.18 8.73
CA ILE A 65 6.89 13.14 9.28
C ILE A 65 6.74 11.84 8.49
N PHE A 66 5.52 11.41 8.24
CA PHE A 66 5.30 10.11 7.59
C PHE A 66 4.82 10.22 6.16
N GLY A 67 4.51 11.42 5.67
CA GLY A 67 4.06 11.57 4.31
C GLY A 67 2.68 11.00 4.04
N ILE A 68 1.77 11.07 5.01
CA ILE A 68 0.38 10.64 4.81
C ILE A 68 -0.51 11.88 4.75
N ASP A 69 -1.44 11.85 3.80
CA ASP A 69 -2.43 12.90 3.61
C ASP A 69 -3.74 12.47 4.26
N VAL A 70 -4.35 13.38 5.01
CA VAL A 70 -5.67 13.16 5.58
C VAL A 70 -6.63 14.03 4.76
N LYS A 71 -7.37 13.41 3.85
CA LYS A 71 -8.21 14.13 2.90
C LYS A 71 -9.67 13.77 3.14
N GLU A 72 -10.53 14.77 3.16
CA GLU A 72 -11.95 14.53 3.39
C GLU A 72 -12.57 13.89 2.16
N VAL A 73 -13.21 12.74 2.34
CA VAL A 73 -13.87 12.05 1.23
C VAL A 73 -15.23 12.66 0.97
N ASP A 74 -16.08 12.70 2.00
CA ASP A 74 -17.43 13.24 1.90
C ASP A 74 -17.58 14.41 2.88
N PRO A 75 -17.93 15.61 2.40
CA PRO A 75 -18.11 16.73 3.35
C PRO A 75 -19.24 16.51 4.34
N THR A 76 -20.43 16.13 3.86
CA THR A 76 -21.59 16.00 4.72
C THR A 76 -21.42 14.89 5.75
N SER A 77 -20.58 13.89 5.44
CA SER A 77 -20.33 12.78 6.36
C SER A 77 -19.11 13.00 7.22
N ASN A 78 -18.27 13.99 6.92
CA ASN A 78 -17.02 14.23 7.63
C ASN A 78 -16.16 12.97 7.65
N THR A 79 -16.04 12.33 6.49
CA THR A 79 -15.27 11.10 6.33
C THR A 79 -13.95 11.41 5.64
N TYR A 80 -12.87 10.85 6.17
CA TYR A 80 -11.52 11.11 5.69
C TYR A 80 -10.86 9.82 5.27
N THR A 81 -9.97 9.91 4.28
CA THR A 81 -9.17 8.79 3.85
C THR A 81 -7.70 9.11 4.10
N LEU A 82 -6.90 8.05 4.27
CA LEU A 82 -5.48 8.16 4.58
C LEU A 82 -4.72 7.60 3.38
N VAL A 83 -3.96 8.45 2.70
CA VAL A 83 -3.21 8.05 1.51
C VAL A 83 -1.82 8.68 1.57
N THR A 84 -0.87 8.04 0.89
CA THR A 84 0.47 8.58 0.81
C THR A 84 0.46 9.91 0.06
N CYS A 85 1.38 10.80 0.44
CA CYS A 85 1.50 12.08 -0.23
C CYS A 85 2.00 11.90 -1.66
N LEU A 86 1.64 12.86 -2.51
CA LEU A 86 2.19 12.95 -3.87
C LEU A 86 1.90 11.72 -4.71
N GLY A 87 0.96 10.88 -4.28
CA GLY A 87 0.61 9.70 -5.04
C GLY A 87 1.68 8.63 -5.11
N LEU A 88 2.67 8.66 -4.24
CA LEU A 88 3.67 7.60 -4.22
C LEU A 88 3.05 6.29 -3.77
N SER A 89 3.48 5.20 -4.40
CA SER A 89 2.97 3.87 -4.08
C SER A 89 3.84 3.16 -3.06
N TYR A 90 4.78 3.85 -2.44
CA TYR A 90 5.67 3.29 -1.43
C TYR A 90 5.42 3.94 -0.09
N ASP A 91 5.39 3.14 0.97
CA ASP A 91 5.34 3.68 2.32
C ASP A 91 6.34 3.03 3.27
N GLY A 92 7.10 2.04 2.82
CA GLY A 92 8.09 1.39 3.66
C GLY A 92 7.53 0.43 4.69
N LEU A 93 6.21 0.29 4.78
CA LEU A 93 5.58 -0.71 5.64
C LEU A 93 5.72 -2.06 4.95
N LEU A 94 6.86 -2.70 5.21
CA LEU A 94 7.19 -3.96 4.58
C LEU A 94 8.20 -4.69 5.46
N GLY A 95 8.22 -6.01 5.32
CA GLY A 95 9.17 -6.80 6.10
C GLY A 95 8.98 -6.58 7.58
N ASN A 96 10.04 -6.15 8.25
CA ASN A 96 10.03 -5.98 9.70
C ASN A 96 9.66 -4.56 10.13
N ASN A 97 9.47 -3.65 9.18
CA ASN A 97 9.06 -2.28 9.48
C ASN A 97 7.55 -2.19 9.26
N GLN A 98 6.78 -2.40 10.33
CA GLN A 98 5.33 -2.43 10.24
C GLN A 98 4.65 -1.37 11.12
N ILE A 99 5.38 -0.33 11.52
CA ILE A 99 4.83 0.71 12.39
C ILE A 99 4.91 2.08 11.74
N PHE A 100 6.10 2.48 11.28
CA PHE A 100 6.35 3.85 10.84
C PHE A 100 6.55 3.91 9.34
N PRO A 101 5.70 4.62 8.61
CA PRO A 101 5.98 4.86 7.18
C PRO A 101 7.24 5.69 6.97
N LYS A 102 7.95 5.37 5.88
CA LYS A 102 9.17 6.07 5.51
C LYS A 102 8.97 7.02 4.34
N THR A 103 7.71 7.27 3.93
CA THR A 103 7.46 8.16 2.81
C THR A 103 7.90 9.60 3.10
N GLY A 104 7.68 10.07 4.33
CA GLY A 104 8.04 11.44 4.65
C GLY A 104 9.51 11.75 4.41
N LEU A 105 10.39 10.84 4.85
CA LEU A 105 11.82 11.06 4.67
C LEU A 105 12.22 10.96 3.21
N LEU A 106 11.63 10.01 2.48
CA LEU A 106 11.89 9.90 1.05
C LEU A 106 11.53 11.19 0.32
N ILE A 107 10.39 11.79 0.67
CA ILE A 107 9.96 13.04 0.06
C ILE A 107 10.97 14.14 0.37
N ILE A 108 11.45 14.19 1.62
CA ILE A 108 12.45 15.19 2.00
C ILE A 108 13.76 14.97 1.24
N VAL A 109 14.13 13.72 0.97
CA VAL A 109 15.32 13.47 0.18
C VAL A 109 15.07 13.82 -1.29
N LEU A 110 13.94 13.37 -1.83
CA LEU A 110 13.60 13.72 -3.22
C LEU A 110 13.51 15.24 -3.40
N GLY A 111 12.96 15.94 -2.40
CA GLY A 111 12.87 17.39 -2.48
C GLY A 111 14.22 18.06 -2.37
N THR A 112 15.13 17.49 -1.58
CA THR A 112 16.48 18.02 -1.49
C THR A 112 17.22 17.91 -2.82
N ILE A 113 17.03 16.78 -3.52
CA ILE A 113 17.70 16.59 -4.80
C ILE A 113 17.14 17.54 -5.86
N ALA A 114 15.81 17.64 -5.94
CA ALA A 114 15.21 18.50 -6.95
C ALA A 114 15.58 19.96 -6.74
N MET A 115 15.73 20.37 -5.48
CA MET A 115 16.15 21.74 -5.20
C MET A 115 17.55 22.01 -5.72
N GLU A 116 18.40 20.99 -5.74
CA GLU A 116 19.78 21.15 -6.19
C GLU A 116 19.96 21.02 -7.69
N GLY A 117 18.96 20.53 -8.42
CA GLY A 117 19.11 20.35 -9.85
C GLY A 117 19.08 18.90 -10.28
N ASP A 118 19.99 18.52 -11.18
CA ASP A 118 20.00 17.17 -11.72
C ASP A 118 20.48 16.13 -10.71
N SER A 119 21.13 16.55 -9.63
CA SER A 119 21.61 15.62 -8.63
C SER A 119 22.06 16.42 -7.41
N ALA A 120 22.13 15.72 -6.27
CA ALA A 120 22.70 16.26 -5.05
C ALA A 120 23.83 15.34 -4.60
N SER A 121 24.94 15.94 -4.17
CA SER A 121 26.05 15.14 -3.68
C SER A 121 25.69 14.50 -2.34
N GLU A 122 26.49 13.49 -1.96
CA GLU A 122 26.24 12.81 -0.69
C GLU A 122 26.39 13.76 0.49
N GLU A 123 27.31 14.73 0.38
CA GLU A 123 27.59 15.61 1.50
C GLU A 123 26.37 16.45 1.86
N GLU A 124 25.63 16.93 0.88
CA GLU A 124 24.51 17.80 1.18
C GLU A 124 23.24 17.03 1.46
N ILE A 125 23.19 15.75 1.08
CA ILE A 125 22.13 14.89 1.60
C ILE A 125 22.33 14.66 3.10
N TRP A 126 23.56 14.40 3.53
CA TRP A 126 23.82 14.23 4.95
C TRP A 126 23.69 15.56 5.70
N GLU A 127 23.95 16.69 5.02
CA GLU A 127 23.73 17.97 5.66
C GLU A 127 22.26 18.20 5.94
N GLU A 128 21.41 17.97 4.94
CA GLU A 128 19.98 18.16 5.12
C GLU A 128 19.42 17.21 6.18
N LEU A 129 19.83 15.93 6.14
CA LEU A 129 19.33 14.98 7.11
C LEU A 129 19.78 15.30 8.52
N GLY A 130 21.00 15.84 8.68
CA GLY A 130 21.51 16.16 10.00
C GLY A 130 20.70 17.23 10.71
N VAL A 131 20.01 18.09 9.97
CA VAL A 131 19.15 19.09 10.58
C VAL A 131 17.94 18.43 11.25
N MET A 132 17.50 17.26 10.76
CA MET A 132 16.40 16.54 11.39
C MET A 132 16.87 15.47 12.39
N GLY A 133 18.13 15.54 12.83
CA GLY A 133 18.63 14.54 13.76
C GLY A 133 18.85 13.18 13.15
N VAL A 134 19.00 13.11 11.83
CA VAL A 134 19.25 11.86 11.11
C VAL A 134 20.73 11.81 10.74
N TYR A 135 21.40 10.72 11.10
CA TYR A 135 22.85 10.65 10.99
C TYR A 135 23.31 9.31 10.44
N ASP A 136 24.31 9.36 9.58
CA ASP A 136 24.89 8.16 8.97
C ASP A 136 25.28 7.15 10.05
N GLY A 137 24.78 5.92 9.89
CA GLY A 137 25.14 4.83 10.77
C GLY A 137 24.41 4.81 12.10
N ARG A 138 23.46 5.71 12.32
CA ARG A 138 22.71 5.78 13.57
C ARG A 138 21.25 5.42 13.29
N GLU A 139 20.69 4.56 14.13
CA GLU A 139 19.31 4.11 13.95
C GLU A 139 18.38 5.12 14.61
N HIS A 140 17.77 5.97 13.80
CA HIS A 140 16.76 6.89 14.29
C HIS A 140 15.57 6.11 14.85
N THR A 141 14.98 6.64 15.93
CA THR A 141 13.91 5.91 16.62
C THR A 141 12.69 5.71 15.73
N VAL A 142 12.48 6.59 14.76
CA VAL A 142 11.31 6.54 13.88
C VAL A 142 11.70 6.14 12.46
N TYR A 143 12.70 6.83 11.89
CA TYR A 143 13.05 6.64 10.49
C TYR A 143 13.95 5.43 10.23
N GLY A 144 14.62 4.92 11.26
CA GLY A 144 15.59 3.86 11.06
C GLY A 144 16.95 4.39 10.71
N GLU A 145 17.80 3.49 10.22
CA GLU A 145 19.14 3.89 9.81
C GLU A 145 19.12 4.44 8.38
N PRO A 146 19.64 5.65 8.16
CA PRO A 146 19.44 6.33 6.86
C PRO A 146 20.30 5.80 5.71
N ARG A 147 21.56 5.41 5.97
CA ARG A 147 22.43 4.95 4.89
C ARG A 147 21.82 3.79 4.14
N LYS A 148 21.30 2.81 4.89
CA LYS A 148 20.62 1.67 4.29
C LYS A 148 19.37 2.10 3.54
N LEU A 149 18.64 3.07 4.10
CA LEU A 149 17.46 3.59 3.42
C LEU A 149 17.82 4.27 2.11
N LEU A 150 18.93 5.02 2.09
CA LEU A 150 19.31 5.81 0.91
C LEU A 150 19.96 4.95 -0.18
N THR A 151 20.84 4.03 0.21
CA THR A 151 21.70 3.34 -0.74
C THR A 151 21.25 1.91 -1.06
N GLN A 152 20.31 1.36 -0.28
CA GLN A 152 19.80 0.03 -0.56
C GLN A 152 18.29 0.08 -0.80
N ASP A 153 17.49 0.39 0.21
CA ASP A 153 16.03 0.33 0.10
C ASP A 153 15.52 1.17 -1.06
N TRP A 154 15.79 2.48 -1.02
CA TRP A 154 15.23 3.38 -2.02
C TRP A 154 15.89 3.22 -3.37
N VAL A 155 17.11 2.68 -3.43
CA VAL A 155 17.72 2.36 -4.72
C VAL A 155 17.05 1.14 -5.33
N GLN A 156 16.88 0.08 -4.53
CA GLN A 156 16.24 -1.13 -5.04
C GLN A 156 14.77 -0.91 -5.34
N GLU A 157 14.12 0.05 -4.68
CA GLU A 157 12.76 0.43 -5.02
C GLU A 157 12.70 1.33 -6.24
N ASN A 158 13.86 1.77 -6.76
CA ASN A 158 14.02 2.57 -7.98
C ASN A 158 13.59 4.03 -7.80
N TYR A 159 13.50 4.49 -6.55
CA TYR A 159 13.23 5.90 -6.32
C TYR A 159 14.50 6.75 -6.44
N LEU A 160 15.65 6.17 -6.14
CA LEU A 160 16.91 6.91 -6.11
C LEU A 160 17.98 6.15 -6.87
N GLU A 161 18.95 6.91 -7.40
CA GLU A 161 20.17 6.38 -7.97
C GLU A 161 21.34 6.87 -7.12
N TYR A 162 22.28 5.98 -6.82
CA TYR A 162 23.44 6.31 -6.00
C TYR A 162 24.70 5.89 -6.76
N ARG A 163 25.35 6.85 -7.41
CA ARG A 163 26.50 6.56 -8.25
C ARG A 163 27.64 7.51 -7.91
N GLN A 164 28.83 7.17 -8.39
CA GLN A 164 30.01 7.98 -8.19
C GLN A 164 30.04 9.08 -9.24
N VAL A 165 30.48 10.26 -8.82
CA VAL A 165 30.54 11.41 -9.74
C VAL A 165 31.50 11.11 -10.88
N PRO A 166 31.09 11.29 -12.15
CA PRO A 166 32.00 11.04 -13.28
C PRO A 166 33.34 11.72 -13.12
N GLY A 167 34.41 10.93 -13.18
CA GLY A 167 35.75 11.48 -13.05
C GLY A 167 35.99 12.10 -11.70
N SER A 168 36.14 11.27 -10.68
CA SER A 168 36.35 11.73 -9.32
C SER A 168 37.75 11.36 -8.85
N ASN A 169 38.32 12.20 -7.98
CA ASN A 169 39.65 11.99 -7.44
C ASN A 169 39.79 12.69 -6.10
N PRO A 170 39.65 11.98 -4.98
CA PRO A 170 39.28 10.55 -4.91
C PRO A 170 37.78 10.30 -5.12
N ALA A 171 37.26 9.21 -4.57
CA ALA A 171 35.88 8.82 -4.81
C ALA A 171 34.91 9.88 -4.28
N ARG A 172 33.82 10.08 -5.01
CA ARG A 172 32.79 11.05 -4.65
C ARG A 172 31.47 10.55 -5.18
N TYR A 173 30.41 10.63 -4.36
CA TYR A 173 29.11 10.08 -4.73
C TYR A 173 28.04 11.17 -4.71
N GLU A 174 26.92 10.86 -5.37
CA GLU A 174 25.80 11.79 -5.47
C GLU A 174 24.51 10.98 -5.58
N PHE A 175 23.38 11.67 -5.52
CA PHE A 175 22.07 11.03 -5.56
C PHE A 175 21.23 11.65 -6.68
N LEU A 176 20.39 10.83 -7.29
CA LEU A 176 19.52 11.26 -8.39
C LEU A 176 18.16 10.59 -8.25
N TRP A 177 17.16 11.19 -8.88
CA TRP A 177 15.85 10.56 -8.96
C TRP A 177 15.92 9.32 -9.85
N GLY A 178 15.46 8.19 -9.32
CA GLY A 178 15.36 6.98 -10.10
C GLY A 178 14.14 7.03 -11.00
N PRO A 179 13.99 6.04 -11.89
CA PRO A 179 12.85 6.07 -12.82
C PRO A 179 11.49 6.06 -12.13
N ARG A 180 11.35 5.35 -11.00
CA ARG A 180 10.06 5.29 -10.33
C ARG A 180 9.64 6.65 -9.78
N ALA A 181 10.59 7.41 -9.24
CA ALA A 181 10.27 8.75 -8.75
C ALA A 181 9.77 9.63 -9.88
N LEU A 182 10.46 9.59 -11.03
CA LEU A 182 10.06 10.39 -12.19
C LEU A 182 8.69 9.99 -12.72
N ALA A 183 8.32 8.72 -12.58
CA ALA A 183 7.02 8.25 -13.06
C ALA A 183 5.89 8.64 -12.11
N GLU A 184 6.11 8.48 -10.80
CA GLU A 184 5.01 8.67 -9.87
C GLU A 184 4.80 10.14 -9.51
N THR A 185 5.85 10.95 -9.54
CA THR A 185 5.75 12.37 -9.22
C THR A 185 6.74 13.12 -10.11
N SER A 186 7.01 14.38 -9.78
CA SER A 186 7.88 15.21 -10.61
C SER A 186 8.57 16.27 -9.74
N TYR A 187 9.64 16.83 -10.30
CA TYR A 187 10.34 17.93 -9.64
C TYR A 187 9.39 19.05 -9.27
N VAL A 188 8.47 19.39 -10.18
CA VAL A 188 7.58 20.52 -9.96
C VAL A 188 6.58 20.22 -8.84
N LYS A 189 6.00 19.02 -8.87
CA LYS A 189 5.02 18.67 -7.84
C LYS A 189 5.66 18.56 -6.46
N VAL A 190 6.90 18.09 -6.40
CA VAL A 190 7.58 17.92 -5.11
C VAL A 190 8.02 19.27 -4.56
N LEU A 191 8.55 20.15 -5.42
CA LEU A 191 8.94 21.47 -4.97
C LEU A 191 7.74 22.27 -4.48
N GLU A 192 6.61 22.14 -5.17
CA GLU A 192 5.39 22.82 -4.73
C GLU A 192 4.93 22.29 -3.38
N HIS A 193 5.06 20.98 -3.16
CA HIS A 193 4.69 20.40 -1.86
C HIS A 193 5.55 20.98 -0.75
N VAL A 194 6.86 21.10 -0.98
CA VAL A 194 7.76 21.69 0.01
C VAL A 194 7.40 23.14 0.28
N VAL A 195 7.02 23.88 -0.76
CA VAL A 195 6.66 25.28 -0.58
C VAL A 195 5.36 25.41 0.21
N ARG A 196 4.40 24.52 -0.05
CA ARG A 196 3.13 24.56 0.67
C ARG A 196 3.33 24.20 2.14
N VAL A 197 4.12 23.16 2.42
CA VAL A 197 4.37 22.76 3.81
C VAL A 197 5.04 23.88 4.57
N ASN A 198 6.04 24.52 3.96
CA ASN A 198 6.82 25.54 4.65
C ASN A 198 6.05 26.85 4.83
N ALA A 199 5.07 27.12 3.99
CA ALA A 199 4.34 28.37 4.01
C ALA A 199 3.04 28.29 4.80
N ARG A 200 2.67 27.10 5.27
N ARG A 200 2.67 27.10 5.27
CA ARG A 200 1.44 26.95 6.03
CA ARG A 200 1.43 26.96 6.03
C ARG A 200 1.54 27.71 7.35
C ARG A 200 1.54 27.73 7.35
N VAL A 201 0.52 28.52 7.64
CA VAL A 201 0.50 29.27 8.89
C VAL A 201 0.25 28.31 10.04
N ARG A 202 1.04 28.46 11.11
CA ARG A 202 0.92 27.56 12.26
C ARG A 202 -0.40 27.81 12.98
N ILE A 203 -1.00 26.73 13.46
CA ILE A 203 -2.21 26.81 14.30
C ILE A 203 -1.76 27.00 15.74
N ALA A 204 -2.32 28.00 16.41
CA ALA A 204 -1.99 28.27 17.79
C ALA A 204 -2.88 27.48 18.73
N TYR A 205 -2.30 27.00 19.81
CA TYR A 205 -3.09 26.33 20.84
C TYR A 205 -3.96 27.37 21.55
N PRO A 206 -5.28 27.19 21.62
CA PRO A 206 -6.12 28.18 22.29
C PRO A 206 -5.87 28.17 23.79
N SER A 207 -5.82 29.37 24.37
CA SER A 207 -5.79 29.48 25.83
C SER A 207 -7.14 29.08 26.40
N LEU A 208 -7.19 28.97 27.73
CA LEU A 208 -8.44 28.65 28.41
C LEU A 208 -9.54 29.66 28.07
N ARG A 209 -9.21 30.95 28.10
CA ARG A 209 -10.21 31.97 27.82
C ARG A 209 -10.72 31.86 26.38
N GLU A 210 -9.80 31.74 25.42
CA GLU A 210 -10.23 31.62 24.03
C GLU A 210 -11.01 30.33 23.80
N ALA A 211 -10.62 29.25 24.48
CA ALA A 211 -11.39 28.02 24.39
C ALA A 211 -12.76 28.16 25.02
N ALA A 212 -12.90 29.04 26.02
CA ALA A 212 -14.21 29.30 26.59
C ALA A 212 -15.10 30.06 25.63
N LEU A 213 -14.53 30.94 24.79
CA LEU A 213 -15.36 31.61 23.78
C LEU A 213 -15.90 30.61 22.78
N LEU A 214 -15.09 29.62 22.40
CA LEU A 214 -15.57 28.57 21.49
C LEU A 214 -16.82 27.90 22.03
N GLU A 215 -16.89 27.70 23.34
CA GLU A 215 -18.02 27.03 23.96
C GLU A 215 -19.14 28.02 24.30
N LYS B 9 9.77 19.48 23.44
CA LYS B 9 9.85 18.89 24.77
C LYS B 9 9.57 17.39 24.72
N SER B 10 8.34 17.04 24.32
CA SER B 10 7.98 15.65 24.16
C SER B 10 8.72 15.04 22.98
N GLU B 11 8.81 13.71 22.97
CA GLU B 11 9.50 13.03 21.86
C GLU B 11 8.80 13.28 20.54
N PHE B 12 7.46 13.27 20.54
CA PHE B 12 6.71 13.55 19.33
C PHE B 12 6.84 15.01 18.91
N GLN B 13 6.82 15.93 19.88
CA GLN B 13 6.97 17.35 19.58
C GLN B 13 8.30 17.63 18.88
N LEU B 14 9.38 17.00 19.34
CA LEU B 14 10.68 17.20 18.73
C LEU B 14 10.70 16.65 17.31
N LEU B 15 10.06 15.51 17.10
CA LEU B 15 9.98 14.93 15.77
C LEU B 15 9.27 15.86 14.80
N VAL B 16 8.25 16.59 15.27
CA VAL B 16 7.57 17.58 14.43
C VAL B 16 8.49 18.76 14.16
N ASP B 17 9.15 19.28 15.19
CA ASP B 17 10.02 20.44 15.01
C ASP B 17 11.20 20.13 14.09
N GLN B 18 11.71 18.89 14.15
CA GLN B 18 12.84 18.53 13.30
C GLN B 18 12.42 18.38 11.85
N ALA B 19 11.26 17.75 11.61
CA ALA B 19 10.75 17.70 10.24
C ALA B 19 10.49 19.10 9.70
N ARG B 20 9.98 19.99 10.55
CA ARG B 20 9.78 21.39 10.15
C ARG B 20 11.10 22.02 9.71
N LYS B 21 12.18 21.75 10.43
CA LYS B 21 13.49 22.29 10.08
C LYS B 21 13.98 21.70 8.76
N GLY B 22 13.70 20.43 8.50
CA GLY B 22 14.10 19.84 7.24
C GLY B 22 13.42 20.51 6.06
N TYR B 23 12.15 20.85 6.20
CA TYR B 23 11.42 21.51 5.11
C TYR B 23 11.90 22.93 4.92
N LYS B 24 12.34 23.60 5.99
CA LYS B 24 12.82 24.97 5.86
C LYS B 24 14.13 25.02 5.10
N LYS B 25 15.03 24.05 5.34
CA LYS B 25 16.32 24.04 4.67
C LYS B 25 16.16 23.83 3.17
N ILE B 26 15.29 22.90 2.77
CA ILE B 26 15.05 22.67 1.34
C ILE B 26 14.44 23.91 0.70
N ALA B 27 13.45 24.51 1.36
CA ALA B 27 12.76 25.66 0.79
C ALA B 27 13.71 26.85 0.61
N GLY B 28 14.74 26.96 1.45
CA GLY B 28 15.70 28.03 1.33
C GLY B 28 16.62 27.86 0.14
N ASP C 4 -27.53 -18.98 -30.03
CA ASP C 4 -28.45 -19.19 -28.92
C ASP C 4 -28.57 -17.92 -28.09
N ALA C 5 -29.80 -17.54 -27.74
CA ALA C 5 -30.03 -16.27 -27.05
C ALA C 5 -29.55 -16.33 -25.60
N GLU C 6 -29.89 -17.41 -24.88
CA GLU C 6 -29.41 -17.54 -23.51
C GLU C 6 -27.90 -17.66 -23.44
N SER C 7 -27.28 -18.29 -24.45
CA SER C 7 -25.83 -18.38 -24.47
C SER C 7 -25.19 -17.00 -24.59
N LEU C 8 -25.81 -16.11 -25.36
CA LEU C 8 -25.26 -14.77 -25.51
C LEU C 8 -25.51 -13.91 -24.29
N PHE C 9 -26.56 -14.19 -23.51
CA PHE C 9 -26.79 -13.45 -22.27
C PHE C 9 -25.75 -13.81 -21.23
N ARG C 10 -25.55 -15.11 -20.96
CA ARG C 10 -24.50 -15.50 -20.04
C ARG C 10 -23.14 -15.01 -20.50
N GLU C 11 -22.94 -14.90 -21.81
CA GLU C 11 -21.73 -14.27 -22.34
C GLU C 11 -21.65 -12.84 -21.84
N ALA C 12 -22.55 -11.98 -22.30
CA ALA C 12 -22.62 -10.56 -21.92
C ALA C 12 -22.35 -10.33 -20.43
N LEU C 13 -22.92 -11.17 -19.58
CA LEU C 13 -22.70 -11.04 -18.14
C LEU C 13 -21.26 -11.39 -17.78
N SER C 14 -20.68 -12.39 -18.47
CA SER C 14 -19.29 -12.75 -18.25
C SER C 14 -18.34 -11.64 -18.71
N ASN C 15 -18.61 -11.02 -19.85
CA ASN C 15 -17.83 -9.85 -20.26
C ASN C 15 -17.95 -8.72 -19.24
N LYS C 16 -19.14 -8.54 -18.65
CA LYS C 16 -19.29 -7.50 -17.64
C LYS C 16 -18.44 -7.80 -16.42
N VAL C 17 -18.28 -9.08 -16.06
CA VAL C 17 -17.41 -9.45 -14.94
C VAL C 17 -15.96 -9.12 -15.28
N ASP C 18 -15.49 -9.51 -16.46
CA ASP C 18 -14.20 -9.03 -16.96
C ASP C 18 -14.08 -7.52 -16.88
N GLU C 19 -15.06 -6.79 -17.41
CA GLU C 19 -15.00 -5.33 -17.42
C GLU C 19 -14.87 -4.77 -16.01
N LEU C 20 -15.76 -5.19 -15.11
CA LEU C 20 -15.72 -4.71 -13.74
C LEU C 20 -14.39 -5.05 -13.08
N ALA C 21 -13.85 -6.24 -13.38
CA ALA C 21 -12.57 -6.65 -12.80
C ALA C 21 -11.44 -5.71 -13.22
N HIS C 22 -11.36 -5.40 -14.51
CA HIS C 22 -10.33 -4.48 -14.99
C HIS C 22 -10.58 -3.05 -14.51
N PHE C 23 -11.85 -2.67 -14.35
CA PHE C 23 -12.16 -1.36 -13.78
C PHE C 23 -11.69 -1.28 -12.33
N LEU C 24 -11.97 -2.31 -11.52
CA LEU C 24 -11.50 -2.33 -10.15
C LEU C 24 -9.98 -2.35 -10.07
N LEU C 25 -9.33 -3.08 -10.99
CA LEU C 25 -7.88 -3.08 -11.04
C LEU C 25 -7.33 -1.68 -11.30
N ARG C 26 -7.99 -0.92 -12.19
CA ARG C 26 -7.57 0.44 -12.45
C ARG C 26 -7.74 1.32 -11.21
N LYS C 27 -8.81 1.09 -10.45
CA LYS C 27 -9.01 1.83 -9.21
C LYS C 27 -7.91 1.51 -8.19
N TYR C 28 -7.42 0.27 -8.19
CA TYR C 28 -6.34 -0.10 -7.28
C TYR C 28 -5.07 0.66 -7.62
N ARG C 29 -4.66 0.62 -8.88
CA ARG C 29 -3.43 1.29 -9.30
C ARG C 29 -3.52 2.80 -9.11
N ALA C 30 -4.71 3.38 -9.22
CA ALA C 30 -4.90 4.81 -9.05
C ALA C 30 -5.11 5.21 -7.60
N LYS C 31 -5.08 4.25 -6.67
CA LYS C 31 -5.28 4.50 -5.24
C LYS C 31 -6.55 5.30 -4.99
N GLU C 32 -7.65 4.80 -5.52
CA GLU C 32 -8.95 5.46 -5.45
C GLU C 32 -9.98 4.53 -4.82
N LEU C 33 -10.85 5.12 -4.00
CA LEU C 33 -12.03 4.42 -3.53
C LEU C 33 -13.03 4.23 -4.67
N VAL C 34 -13.91 3.25 -4.52
CA VAL C 34 -14.91 2.94 -5.52
C VAL C 34 -16.24 2.74 -4.81
N THR C 35 -17.31 3.31 -5.36
CA THR C 35 -18.65 3.17 -4.81
C THR C 35 -19.50 2.28 -5.72
N LYS C 36 -20.58 1.76 -5.14
CA LYS C 36 -21.54 0.98 -5.91
C LYS C 36 -22.19 1.83 -6.99
N ALA C 37 -22.59 3.07 -6.65
CA ALA C 37 -23.18 3.96 -7.63
C ALA C 37 -22.24 4.19 -8.81
N GLU C 38 -20.94 4.30 -8.54
CA GLU C 38 -19.95 4.38 -9.60
C GLU C 38 -20.05 3.18 -10.54
N MET C 39 -19.88 1.97 -10.00
CA MET C 39 -19.89 0.77 -10.82
C MET C 39 -21.22 0.59 -11.55
N LEU C 40 -22.34 0.95 -10.90
CA LEU C 40 -23.63 0.85 -11.58
C LEU C 40 -23.74 1.80 -12.75
N GLU C 41 -23.00 2.91 -12.71
CA GLU C 41 -23.15 3.95 -13.73
C GLU C 41 -22.25 3.73 -14.94
N ARG C 42 -21.00 3.31 -14.72
CA ARG C 42 -20.04 3.25 -15.81
C ARG C 42 -19.53 1.84 -16.09
N VAL C 43 -20.20 0.81 -15.59
CA VAL C 43 -19.78 -0.56 -15.91
C VAL C 43 -20.98 -1.42 -16.27
N ILE C 44 -21.97 -1.53 -15.36
CA ILE C 44 -23.10 -2.40 -15.61
C ILE C 44 -24.38 -1.59 -15.72
N LYS C 45 -24.30 -0.47 -16.45
CA LYS C 45 -25.44 0.42 -16.62
C LYS C 45 -26.67 -0.31 -17.13
N ASN C 46 -26.49 -1.26 -18.04
CA ASN C 46 -27.63 -1.96 -18.63
C ASN C 46 -28.03 -3.21 -17.85
N TYR C 47 -27.23 -3.65 -16.88
CA TYR C 47 -27.55 -4.81 -16.06
C TYR C 47 -27.40 -4.49 -14.58
N LYS C 48 -28.05 -3.40 -14.14
CA LYS C 48 -27.90 -2.96 -12.75
C LYS C 48 -28.44 -4.00 -11.76
N ARG C 49 -29.56 -4.64 -12.09
CA ARG C 49 -30.17 -5.58 -11.15
C ARG C 49 -29.31 -6.82 -10.92
N CYS C 50 -28.37 -7.10 -11.84
CA CYS C 50 -27.45 -8.21 -11.69
C CYS C 50 -26.17 -7.80 -10.95
N PHE C 51 -26.19 -6.70 -10.21
CA PHE C 51 -25.00 -6.25 -9.51
C PHE C 51 -24.43 -7.27 -8.54
N PRO C 52 -25.23 -7.95 -7.70
CA PRO C 52 -24.62 -8.93 -6.80
C PRO C 52 -23.88 -10.05 -7.51
N VAL C 53 -24.32 -10.44 -8.70
CA VAL C 53 -23.65 -11.51 -9.43
C VAL C 53 -22.36 -11.02 -10.06
N ILE C 54 -22.41 -9.90 -10.78
CA ILE C 54 -21.22 -9.41 -11.47
C ILE C 54 -20.16 -8.94 -10.47
N PHE C 55 -20.58 -8.19 -9.45
CA PHE C 55 -19.63 -7.70 -8.45
C PHE C 55 -19.03 -8.85 -7.65
N GLY C 56 -19.85 -9.81 -7.25
CA GLY C 56 -19.33 -10.95 -6.51
C GLY C 56 -18.36 -11.79 -7.31
N LYS C 57 -18.63 -11.96 -8.61
CA LYS C 57 -17.72 -12.73 -9.46
C LYS C 57 -16.45 -11.94 -9.75
N ALA C 58 -16.58 -10.63 -9.99
CA ALA C 58 -15.40 -9.82 -10.26
C ALA C 58 -14.51 -9.72 -9.03
N SER C 59 -15.10 -9.58 -7.84
CA SER C 59 -14.32 -9.57 -6.62
C SER C 59 -13.61 -10.90 -6.40
N GLU C 60 -14.32 -12.00 -6.63
CA GLU C 60 -13.74 -13.32 -6.47
C GLU C 60 -12.52 -13.51 -7.38
N SER C 61 -12.61 -13.02 -8.62
CA SER C 61 -11.49 -13.15 -9.54
C SER C 61 -10.32 -12.27 -9.14
N LEU C 62 -10.59 -11.07 -8.60
CA LEU C 62 -9.53 -10.17 -8.19
C LEU C 62 -8.73 -10.77 -7.04
N LYS C 63 -9.40 -11.51 -6.16
CA LYS C 63 -8.72 -12.19 -5.07
C LYS C 63 -7.85 -13.33 -5.59
N MET C 64 -8.43 -14.21 -6.41
CA MET C 64 -7.71 -15.43 -6.80
C MET C 64 -6.61 -15.15 -7.81
N ILE C 65 -6.85 -14.28 -8.78
CA ILE C 65 -5.86 -14.03 -9.82
C ILE C 65 -4.83 -13.00 -9.40
N PHE C 66 -5.25 -11.90 -8.79
CA PHE C 66 -4.35 -10.79 -8.53
C PHE C 66 -4.02 -10.59 -7.06
N GLY C 67 -4.61 -11.38 -6.17
CA GLY C 67 -4.38 -11.15 -4.75
C GLY C 67 -4.84 -9.80 -4.25
N ILE C 68 -5.91 -9.27 -4.83
CA ILE C 68 -6.46 -7.97 -4.43
C ILE C 68 -7.79 -8.20 -3.74
N ASP C 69 -8.00 -7.48 -2.64
CA ASP C 69 -9.19 -7.60 -1.82
C ASP C 69 -10.07 -6.38 -2.02
N VAL C 70 -11.35 -6.62 -2.28
CA VAL C 70 -12.35 -5.56 -2.42
C VAL C 70 -12.95 -5.36 -1.04
N LYS C 71 -12.37 -4.43 -0.27
CA LYS C 71 -12.69 -4.27 1.14
C LYS C 71 -13.71 -3.15 1.30
N GLU C 72 -14.90 -3.49 1.80
CA GLU C 72 -15.88 -2.47 2.11
C GLU C 72 -15.41 -1.67 3.31
N VAL C 73 -15.43 -0.34 3.18
CA VAL C 73 -14.93 0.56 4.23
C VAL C 73 -16.07 1.37 4.83
N ASP C 74 -17.01 1.82 4.01
CA ASP C 74 -18.19 2.52 4.49
C ASP C 74 -19.42 1.76 4.04
N PRO C 75 -20.14 1.09 4.93
CA PRO C 75 -21.32 0.33 4.50
C PRO C 75 -22.54 1.19 4.29
N THR C 76 -22.62 2.36 4.93
CA THR C 76 -23.75 3.26 4.74
C THR C 76 -23.72 3.97 3.40
N SER C 77 -22.63 3.83 2.64
CA SER C 77 -22.51 4.45 1.33
C SER C 77 -22.03 3.49 0.26
N ASN C 78 -21.77 2.22 0.61
CA ASN C 78 -21.32 1.21 -0.33
C ASN C 78 -20.02 1.64 -1.01
N THR C 79 -19.09 2.14 -0.20
CA THR C 79 -17.77 2.53 -0.64
C THR C 79 -16.80 1.40 -0.37
N TYR C 80 -15.87 1.18 -1.30
CA TYR C 80 -14.91 0.10 -1.19
C TYR C 80 -13.51 0.65 -1.42
N THR C 81 -12.53 -0.01 -0.81
CA THR C 81 -11.13 0.23 -1.09
C THR C 81 -10.50 -1.08 -1.54
N LEU C 82 -9.40 -0.99 -2.28
CA LEU C 82 -8.77 -2.15 -2.88
C LEU C 82 -7.38 -2.31 -2.30
N VAL C 83 -7.15 -3.43 -1.61
CA VAL C 83 -5.93 -3.67 -0.85
C VAL C 83 -5.43 -5.07 -1.16
N THR C 84 -4.13 -5.29 -0.98
CA THR C 84 -3.56 -6.61 -1.20
C THR C 84 -4.04 -7.58 -0.13
N CYS C 85 -4.20 -8.83 -0.54
CA CYS C 85 -4.62 -9.87 0.38
C CYS C 85 -3.53 -10.14 1.41
N LEU C 86 -3.94 -10.65 2.57
CA LEU C 86 -3.04 -11.07 3.64
C LEU C 86 -2.13 -9.96 4.12
N GLY C 87 -2.41 -8.72 3.73
CA GLY C 87 -1.58 -7.60 4.11
C GLY C 87 -0.20 -7.58 3.49
N LEU C 88 0.00 -8.31 2.40
CA LEU C 88 1.30 -8.31 1.73
C LEU C 88 1.59 -6.91 1.17
N SER C 89 2.86 -6.52 1.22
CA SER C 89 3.29 -5.20 0.77
C SER C 89 3.76 -5.20 -0.68
N TYR C 90 3.83 -6.36 -1.32
CA TYR C 90 4.33 -6.50 -2.68
C TYR C 90 3.17 -6.65 -3.65
N ASP C 91 3.27 -6.01 -4.81
CA ASP C 91 2.35 -6.31 -5.91
C ASP C 91 3.05 -6.54 -7.24
N GLY C 92 4.35 -6.31 -7.34
CA GLY C 92 5.05 -6.37 -8.61
C GLY C 92 4.76 -5.23 -9.56
N LEU C 93 3.73 -4.42 -9.29
CA LEU C 93 3.34 -3.31 -10.16
C LEU C 93 4.37 -2.20 -10.14
N LEU C 94 5.57 -2.51 -10.62
CA LEU C 94 6.65 -1.53 -10.70
C LEU C 94 7.64 -2.05 -11.73
N GLY C 95 7.97 -1.21 -12.71
CA GLY C 95 8.85 -1.60 -13.79
C GLY C 95 8.13 -1.73 -15.13
N ILE C 99 1.07 -3.98 -15.31
CA ILE C 99 -0.35 -3.61 -15.28
C ILE C 99 -1.14 -4.56 -14.39
N PHE C 100 -0.59 -5.76 -14.16
CA PHE C 100 -1.25 -6.79 -13.36
C PHE C 100 -0.47 -7.09 -12.09
N PRO C 101 -1.11 -7.02 -10.93
CA PRO C 101 -0.43 -7.41 -9.69
C PRO C 101 -0.06 -8.88 -9.67
N LYS C 102 1.14 -9.17 -9.17
CA LYS C 102 1.62 -10.53 -9.02
C LYS C 102 1.42 -11.07 -7.60
N THR C 103 0.62 -10.39 -6.78
CA THR C 103 0.40 -10.83 -5.41
C THR C 103 -0.35 -12.16 -5.36
N GLY C 104 -1.33 -12.35 -6.24
CA GLY C 104 -2.11 -13.57 -6.22
C GLY C 104 -1.27 -14.81 -6.50
N LEU C 105 -0.32 -14.71 -7.42
CA LEU C 105 0.55 -15.84 -7.72
C LEU C 105 1.52 -16.10 -6.58
N LEU C 106 2.04 -15.04 -5.94
CA LEU C 106 2.92 -15.22 -4.80
C LEU C 106 2.21 -15.96 -3.68
N ILE C 107 0.94 -15.60 -3.41
CA ILE C 107 0.17 -16.29 -2.39
C ILE C 107 -0.02 -17.76 -2.77
N ILE C 108 -0.25 -18.04 -4.06
CA ILE C 108 -0.40 -19.42 -4.50
C ILE C 108 0.88 -20.20 -4.24
N VAL C 109 2.03 -19.63 -4.60
CA VAL C 109 3.30 -20.31 -4.37
C VAL C 109 3.56 -20.45 -2.89
N LEU C 110 3.36 -19.37 -2.13
CA LEU C 110 3.58 -19.41 -0.68
C LEU C 110 2.68 -20.46 -0.03
N GLY C 111 1.45 -20.59 -0.53
CA GLY C 111 0.55 -21.60 0.00
C GLY C 111 0.94 -23.01 -0.36
N THR C 112 1.54 -23.20 -1.54
CA THR C 112 2.02 -24.52 -1.93
C THR C 112 3.16 -24.98 -1.01
N ILE C 113 4.10 -24.09 -0.70
CA ILE C 113 5.20 -24.45 0.19
C ILE C 113 4.69 -24.77 1.58
N ALA C 114 3.78 -23.94 2.12
CA ALA C 114 3.30 -24.15 3.48
C ALA C 114 2.59 -25.50 3.63
N MET C 115 1.90 -25.95 2.58
CA MET C 115 1.21 -27.24 2.67
C MET C 115 2.20 -28.39 2.58
N GLU C 116 3.30 -28.22 1.84
CA GLU C 116 4.32 -29.26 1.75
C GLU C 116 5.19 -29.36 2.99
N GLY C 117 5.21 -28.31 3.82
CA GLY C 117 5.97 -28.34 5.05
C GLY C 117 7.05 -27.27 5.10
N ASP C 118 8.26 -27.67 5.50
CA ASP C 118 9.35 -26.71 5.59
C ASP C 118 9.79 -26.22 4.22
N SER C 119 9.61 -27.04 3.19
CA SER C 119 9.99 -26.66 1.84
C SER C 119 9.17 -27.49 0.86
N ALA C 120 9.12 -27.00 -0.38
CA ALA C 120 8.50 -27.71 -1.48
C ALA C 120 9.54 -27.86 -2.58
N SER C 121 9.67 -29.05 -3.14
CA SER C 121 10.66 -29.21 -4.19
C SER C 121 10.21 -28.48 -5.45
N GLU C 122 11.17 -28.27 -6.35
CA GLU C 122 10.87 -27.53 -7.57
C GLU C 122 9.81 -28.23 -8.41
N GLU C 123 9.78 -29.57 -8.38
CA GLU C 123 8.82 -30.30 -9.19
C GLU C 123 7.39 -30.14 -8.68
N GLU C 124 7.21 -30.00 -7.35
CA GLU C 124 5.88 -29.75 -6.81
C GLU C 124 5.41 -28.33 -7.09
N ILE C 125 6.34 -27.38 -7.21
CA ILE C 125 5.94 -26.01 -7.57
C ILE C 125 5.49 -25.97 -9.03
N TRP C 126 6.28 -26.56 -9.92
CA TRP C 126 5.90 -26.58 -11.33
C TRP C 126 4.64 -27.39 -11.56
N GLU C 127 4.43 -28.44 -10.76
CA GLU C 127 3.19 -29.21 -10.86
C GLU C 127 1.99 -28.37 -10.43
N GLU C 128 2.16 -27.55 -9.39
CA GLU C 128 1.08 -26.68 -8.95
C GLU C 128 0.86 -25.54 -9.93
N LEU C 129 1.94 -24.97 -10.46
CA LEU C 129 1.83 -23.90 -11.44
C LEU C 129 1.24 -24.41 -12.75
N GLY C 130 1.57 -25.63 -13.16
CA GLY C 130 1.05 -26.17 -14.39
C GLY C 130 -0.45 -26.30 -14.41
N VAL C 131 -1.06 -26.58 -13.25
CA VAL C 131 -2.51 -26.67 -13.18
C VAL C 131 -3.14 -25.30 -13.42
N MET C 132 -2.42 -24.23 -13.11
CA MET C 132 -2.88 -22.88 -13.35
C MET C 132 -2.59 -22.39 -14.77
N GLY C 133 -2.01 -23.24 -15.62
CA GLY C 133 -1.62 -22.81 -16.95
C GLY C 133 -0.30 -22.06 -17.02
N VAL C 134 0.49 -22.11 -15.96
CA VAL C 134 1.79 -21.45 -15.90
C VAL C 134 2.86 -22.52 -16.09
N TYR C 135 3.83 -22.23 -16.96
CA TYR C 135 4.83 -23.23 -17.33
C TYR C 135 6.21 -22.59 -17.37
N ASP C 136 7.21 -23.34 -16.89
CA ASP C 136 8.60 -22.91 -16.93
C ASP C 136 9.02 -22.53 -18.34
N GLY C 137 9.24 -21.23 -18.58
CA GLY C 137 9.77 -20.73 -19.83
C GLY C 137 8.77 -19.96 -20.67
N ARG C 138 7.48 -20.23 -20.49
CA ARG C 138 6.44 -19.57 -21.27
C ARG C 138 6.03 -18.28 -20.57
N GLU C 139 5.97 -17.19 -21.35
CA GLU C 139 5.60 -15.88 -20.81
C GLU C 139 4.08 -15.81 -20.69
N HIS C 140 3.58 -16.01 -19.48
CA HIS C 140 2.15 -15.90 -19.21
C HIS C 140 1.67 -14.48 -19.46
N THR C 141 0.46 -14.37 -20.01
CA THR C 141 -0.04 -13.05 -20.42
C THR C 141 -0.28 -12.15 -19.22
N VAL C 142 -0.53 -12.71 -18.04
CA VAL C 142 -0.80 -11.94 -16.83
C VAL C 142 0.37 -12.01 -15.86
N TYR C 143 0.79 -13.21 -15.48
CA TYR C 143 1.84 -13.35 -14.49
C TYR C 143 3.25 -13.16 -15.07
N GLY C 144 3.41 -13.32 -16.38
CA GLY C 144 4.72 -13.21 -16.98
C GLY C 144 5.45 -14.54 -17.01
N GLU C 145 6.77 -14.45 -17.17
CA GLU C 145 7.62 -15.63 -17.18
C GLU C 145 7.86 -16.09 -15.74
N PRO C 146 7.50 -17.34 -15.39
CA PRO C 146 7.49 -17.73 -13.97
C PRO C 146 8.85 -18.02 -13.36
N ARG C 147 9.78 -18.62 -14.12
CA ARG C 147 11.10 -18.92 -13.55
C ARG C 147 11.81 -17.65 -13.11
N LYS C 148 11.72 -16.59 -13.92
CA LYS C 148 12.27 -15.31 -13.48
C LYS C 148 11.53 -14.80 -12.26
N LEU C 149 10.21 -15.01 -12.21
CA LEU C 149 9.43 -14.52 -11.08
C LEU C 149 9.77 -15.29 -9.80
N LEU C 150 9.95 -16.60 -9.92
CA LEU C 150 10.19 -17.43 -8.73
C LEU C 150 11.63 -17.31 -8.24
N THR C 151 12.60 -17.58 -9.14
CA THR C 151 13.99 -17.71 -8.74
C THR C 151 14.75 -16.40 -8.73
N GLN C 152 14.22 -15.35 -9.36
CA GLN C 152 14.91 -14.07 -9.42
C GLN C 152 14.11 -13.01 -8.64
N ASP C 153 12.93 -12.64 -9.13
CA ASP C 153 12.19 -11.52 -8.53
C ASP C 153 11.90 -11.79 -7.06
N TRP C 154 11.21 -12.88 -6.76
CA TRP C 154 10.79 -13.15 -5.39
C TRP C 154 11.95 -13.56 -4.49
N VAL C 155 13.13 -13.80 -5.04
CA VAL C 155 14.29 -14.10 -4.20
C VAL C 155 14.94 -12.82 -3.70
N GLN C 156 15.14 -11.84 -4.60
CA GLN C 156 15.64 -10.54 -4.17
C GLN C 156 14.62 -9.77 -3.34
N GLU C 157 13.33 -10.04 -3.53
CA GLU C 157 12.30 -9.44 -2.68
C GLU C 157 12.23 -10.10 -1.31
N ASN C 158 12.99 -11.17 -1.09
CA ASN C 158 13.10 -11.87 0.20
C ASN C 158 11.84 -12.65 0.55
N TYR C 159 10.94 -12.87 -0.41
CA TYR C 159 9.78 -13.70 -0.14
C TYR C 159 10.09 -15.18 -0.23
N LEU C 160 11.12 -15.55 -0.99
CA LEU C 160 11.41 -16.94 -1.29
C LEU C 160 12.89 -17.21 -1.13
N GLU C 161 13.22 -18.50 -1.04
CA GLU C 161 14.58 -18.99 -1.07
C GLU C 161 14.65 -20.14 -2.06
N TYR C 162 15.55 -20.04 -3.02
CA TYR C 162 15.79 -21.08 -4.04
C TYR C 162 17.13 -21.73 -3.72
N ARG C 163 17.10 -22.99 -3.31
CA ARG C 163 18.33 -23.68 -2.94
C ARG C 163 18.34 -25.08 -3.54
N GLN C 164 19.49 -25.73 -3.44
CA GLN C 164 19.64 -27.12 -3.85
C GLN C 164 19.48 -28.02 -2.64
N VAL C 165 18.78 -29.14 -2.83
CA VAL C 165 18.50 -30.01 -1.69
C VAL C 165 19.80 -30.60 -1.17
N PRO C 166 20.02 -30.63 0.15
CA PRO C 166 21.31 -31.06 0.69
C PRO C 166 21.77 -32.45 0.22
N GLY C 167 20.86 -33.35 -0.12
CA GLY C 167 21.24 -34.65 -0.67
C GLY C 167 22.16 -34.47 -1.86
N SER C 168 21.64 -33.83 -2.90
CA SER C 168 22.38 -33.18 -3.98
C SER C 168 23.05 -34.13 -4.98
N ASN C 169 22.71 -35.42 -4.98
CA ASN C 169 23.35 -36.39 -5.89
C ASN C 169 22.30 -37.29 -6.51
N PRO C 170 21.82 -36.99 -7.74
CA PRO C 170 22.18 -35.78 -8.50
C PRO C 170 21.39 -34.56 -8.05
N ALA C 171 21.75 -33.39 -8.56
CA ALA C 171 21.24 -32.14 -8.02
C ALA C 171 19.73 -32.05 -8.16
N ARG C 172 19.07 -31.64 -7.08
CA ARG C 172 17.64 -31.32 -7.05
C ARG C 172 17.48 -29.96 -6.36
N TYR C 173 16.28 -29.39 -6.49
CA TYR C 173 16.06 -28.02 -6.00
C TYR C 173 14.72 -27.94 -5.29
N GLU C 174 14.58 -26.90 -4.46
CA GLU C 174 13.42 -26.73 -3.61
C GLU C 174 13.24 -25.26 -3.27
N PHE C 175 12.03 -24.92 -2.81
CA PHE C 175 11.67 -23.56 -2.47
C PHE C 175 11.26 -23.48 -1.01
N LEU C 176 11.57 -22.34 -0.38
CA LEU C 176 11.24 -22.10 1.01
C LEU C 176 10.78 -20.66 1.19
N TRP C 177 9.99 -20.43 2.23
CA TRP C 177 9.61 -19.07 2.62
C TRP C 177 10.86 -18.26 2.95
N GLY C 178 10.87 -17.01 2.49
CA GLY C 178 11.95 -16.11 2.80
C GLY C 178 11.63 -15.30 4.05
N PRO C 179 12.63 -14.61 4.60
CA PRO C 179 12.39 -13.81 5.81
C PRO C 179 11.26 -12.81 5.66
N ARG C 180 11.14 -12.14 4.52
CA ARG C 180 10.04 -11.19 4.33
C ARG C 180 8.69 -11.88 4.36
N ALA C 181 8.60 -13.09 3.79
CA ALA C 181 7.35 -13.83 3.87
C ALA C 181 7.00 -14.16 5.31
N LEU C 182 7.98 -14.64 6.09
CA LEU C 182 7.72 -14.95 7.49
C LEU C 182 7.33 -13.72 8.28
N ALA C 183 7.81 -12.53 7.87
CA ALA C 183 7.56 -11.33 8.65
C ALA C 183 6.19 -10.73 8.34
N GLU C 184 5.75 -10.79 7.07
CA GLU C 184 4.50 -10.16 6.67
C GLU C 184 3.27 -11.05 6.88
N THR C 185 3.45 -12.36 6.95
CA THR C 185 2.32 -13.29 7.08
C THR C 185 2.85 -14.57 7.73
N SER C 186 2.01 -15.60 7.78
CA SER C 186 2.37 -16.85 8.44
C SER C 186 1.78 -18.05 7.70
N TYR C 187 2.32 -19.23 8.01
CA TYR C 187 1.81 -20.47 7.44
C TYR C 187 0.31 -20.60 7.67
N VAL C 188 -0.13 -20.38 8.92
CA VAL C 188 -1.53 -20.57 9.25
C VAL C 188 -2.40 -19.58 8.49
N LYS C 189 -2.02 -18.29 8.48
CA LYS C 189 -2.83 -17.28 7.80
C LYS C 189 -2.98 -17.60 6.32
N VAL C 190 -1.92 -18.09 5.69
CA VAL C 190 -1.99 -18.39 4.26
C VAL C 190 -2.87 -19.61 4.01
N LEU C 191 -2.67 -20.69 4.78
CA LEU C 191 -3.52 -21.87 4.64
C LEU C 191 -4.98 -21.55 4.95
N GLU C 192 -5.23 -20.77 6.01
CA GLU C 192 -6.59 -20.34 6.29
C GLU C 192 -7.18 -19.54 5.13
N HIS C 193 -6.34 -18.76 4.43
CA HIS C 193 -6.80 -18.01 3.27
C HIS C 193 -7.20 -18.95 2.13
N VAL C 194 -6.38 -19.98 1.87
CA VAL C 194 -6.71 -20.94 0.83
C VAL C 194 -7.98 -21.70 1.17
N VAL C 195 -8.12 -22.12 2.43
CA VAL C 195 -9.35 -22.79 2.86
C VAL C 195 -10.55 -21.87 2.64
N ARG C 196 -10.42 -20.59 3.00
CA ARG C 196 -11.52 -19.66 2.81
C ARG C 196 -11.87 -19.49 1.34
N VAL C 197 -10.86 -19.41 0.47
CA VAL C 197 -11.12 -19.26 -0.96
C VAL C 197 -11.77 -20.51 -1.53
N ASN C 198 -11.34 -21.69 -1.07
CA ASN C 198 -11.83 -22.94 -1.61
C ASN C 198 -13.26 -23.24 -1.18
N ALA C 199 -13.69 -22.69 -0.04
CA ALA C 199 -15.00 -22.99 0.53
C ALA C 199 -16.04 -21.95 0.18
N ARG C 200 -15.68 -20.91 -0.58
N ARG C 200 -15.69 -20.91 -0.57
CA ARG C 200 -16.64 -19.89 -0.95
CA ARG C 200 -16.66 -19.89 -0.93
C ARG C 200 -17.74 -20.47 -1.84
C ARG C 200 -17.73 -20.47 -1.84
N VAL C 201 -18.95 -19.94 -1.70
CA VAL C 201 -20.06 -20.40 -2.51
C VAL C 201 -19.96 -19.81 -3.91
N ARG C 202 -20.21 -20.64 -4.92
CA ARG C 202 -20.14 -20.20 -6.31
C ARG C 202 -21.44 -19.49 -6.66
N ILE C 203 -21.34 -18.20 -6.99
CA ILE C 203 -22.51 -17.45 -7.45
C ILE C 203 -22.83 -17.90 -8.87
N ALA C 204 -24.06 -18.35 -9.08
CA ALA C 204 -24.49 -18.83 -10.39
C ALA C 204 -25.00 -17.68 -11.25
N TYR C 205 -24.62 -17.70 -12.53
CA TYR C 205 -25.17 -16.74 -13.47
C TYR C 205 -26.68 -16.93 -13.57
N PRO C 206 -27.47 -15.85 -13.55
CA PRO C 206 -28.91 -16.00 -13.69
C PRO C 206 -29.31 -16.10 -15.16
N SER C 207 -30.33 -16.91 -15.42
CA SER C 207 -30.88 -17.02 -16.77
C SER C 207 -31.77 -15.82 -17.07
N LEU C 208 -32.24 -15.74 -18.31
CA LEU C 208 -33.14 -14.64 -18.67
C LEU C 208 -34.40 -14.66 -17.82
N ARG C 209 -34.93 -15.85 -17.54
CA ARG C 209 -36.13 -15.96 -16.73
C ARG C 209 -35.88 -15.46 -15.30
N GLU C 210 -34.77 -15.87 -14.70
CA GLU C 210 -34.47 -15.45 -13.34
C GLU C 210 -34.14 -13.97 -13.27
N ALA C 211 -33.38 -13.45 -14.24
CA ALA C 211 -33.04 -12.03 -14.22
C ALA C 211 -34.28 -11.17 -14.45
N ALA C 212 -35.23 -11.65 -15.25
CA ALA C 212 -36.46 -10.90 -15.46
C ALA C 212 -37.28 -10.81 -14.17
N LEU C 213 -37.34 -11.90 -13.41
CA LEU C 213 -38.06 -11.87 -12.14
C LEU C 213 -37.34 -10.98 -11.13
N LEU C 214 -36.02 -10.89 -11.21
CA LEU C 214 -35.28 -9.97 -10.35
C LEU C 214 -35.74 -8.54 -10.58
N GLU C 215 -36.00 -8.17 -11.83
CA GLU C 215 -36.59 -6.87 -12.14
C GLU C 215 -38.05 -6.83 -11.68
N LYS D 9 -15.41 -19.57 -23.33
CA LYS D 9 -14.07 -19.76 -23.88
C LYS D 9 -13.27 -18.46 -23.87
N SER D 10 -13.64 -17.53 -22.99
CA SER D 10 -12.95 -16.26 -22.89
C SER D 10 -11.65 -16.42 -22.11
N GLU D 11 -10.69 -15.53 -22.40
CA GLU D 11 -9.38 -15.62 -21.77
C GLU D 11 -9.44 -15.38 -20.28
N PHE D 12 -10.39 -14.56 -19.83
CA PHE D 12 -10.51 -14.23 -18.41
C PHE D 12 -11.24 -15.32 -17.64
N GLN D 13 -12.36 -15.82 -18.18
CA GLN D 13 -13.05 -16.94 -17.57
C GLN D 13 -12.13 -18.15 -17.43
N LEU D 14 -11.22 -18.34 -18.39
CA LEU D 14 -10.23 -19.41 -18.27
C LEU D 14 -9.23 -19.09 -17.15
N LEU D 15 -8.89 -17.81 -16.97
CA LEU D 15 -7.99 -17.43 -15.89
C LEU D 15 -8.61 -17.72 -14.53
N VAL D 16 -9.88 -17.35 -14.36
CA VAL D 16 -10.60 -17.66 -13.12
C VAL D 16 -10.69 -19.18 -12.93
N ASP D 17 -10.93 -19.92 -14.01
CA ASP D 17 -11.05 -21.37 -13.92
C ASP D 17 -9.73 -22.00 -13.50
N GLN D 18 -8.61 -21.49 -14.03
CA GLN D 18 -7.31 -22.02 -13.66
C GLN D 18 -6.94 -21.66 -12.23
N ALA D 19 -7.23 -20.41 -11.81
CA ALA D 19 -6.96 -20.01 -10.44
C ALA D 19 -7.81 -20.81 -9.45
N ARG D 20 -9.05 -21.15 -9.82
CA ARG D 20 -9.86 -22.01 -8.97
C ARG D 20 -9.21 -23.37 -8.79
N LYS D 21 -8.72 -23.98 -9.88
CA LYS D 21 -8.04 -25.26 -9.76
C LYS D 21 -6.74 -25.13 -8.98
N GLY D 22 -6.03 -24.02 -9.11
CA GLY D 22 -4.81 -23.84 -8.35
C GLY D 22 -5.05 -23.86 -6.86
N TYR D 23 -6.11 -23.19 -6.40
CA TYR D 23 -6.44 -23.20 -4.99
C TYR D 23 -6.97 -24.57 -4.56
N LYS D 24 -7.72 -25.23 -5.43
CA LYS D 24 -8.27 -26.54 -5.07
C LYS D 24 -7.18 -27.57 -4.84
N LYS D 25 -6.12 -27.53 -5.66
CA LYS D 25 -5.03 -28.49 -5.50
C LYS D 25 -4.32 -28.33 -4.16
N ILE D 26 -4.15 -27.09 -3.69
CA ILE D 26 -3.40 -26.85 -2.45
C ILE D 26 -4.14 -27.46 -1.26
N ALA D 27 -5.46 -27.24 -1.18
CA ALA D 27 -6.27 -27.74 -0.07
C ALA D 27 -6.70 -29.18 -0.35
N GLY D 28 -5.72 -30.07 -0.34
CA GLY D 28 -5.97 -31.48 -0.57
C GLY D 28 -4.83 -32.18 -1.31
#